data_5GOF
#
_entry.id   5GOF
#
_cell.length_a   70.579
_cell.length_b   72.461
_cell.length_c   95.344
_cell.angle_alpha   90.00
_cell.angle_beta   90.00
_cell.angle_gamma   90.00
#
_symmetry.space_group_name_H-M   'P 21 21 21'
#
loop_
_entity.id
_entity.type
_entity.pdbx_description
1 polymer Mitofusin-1
2 non-polymer "GUANOSINE-5'-TRIPHOSPHATE"
3 non-polymer 'MAGNESIUM ION'
4 non-polymer 'ZINC ION'
5 water water
#
_entity_poly.entity_id   1
_entity_poly.type   'polypeptide(L)'
_entity_poly.pdbx_seq_one_letter_code
;GPHMGGSMAEPVSPLKHFVLAKKAITAIFDQLLEFVTEGSHFVEATYKNPELDRIATEDDLVEMQGYKDKLSIIGEVLSR
RHMKVAFFGRTSSGKSSVINAMLWDKVLPSGIGHITNCFLSVEGTDGDKAYLMTEGSDEKKSVKTVNQLAHALHMDKDLK
AGCLVRVFWPKAKCALLRDDLVLVDSPGTDVTTELDSWIDKFCLDADVFVLVANSESTLMNTEKHFFHKVNERLSKPNIF
ILNNRWDASASEPEYMEDVRRQHMERCLHFLVEELKVVNALEAQNRIFFVSAKEVLSARKQKAQGMPESGVALAEGFHAR
LQEFQNFEQIFEECISQSAVKTKFEQHTIRAKQILATVKNIMDSVNLAAEDKRHYSARLPKEIDQLEKIQNNSKLLRNKA
VQLENELENFTKQFLPSSNEES
;
_entity_poly.pdbx_strand_id   A
#
# COMPACT_ATOMS: atom_id res chain seq x y z
N PRO A 11 -16.59 -15.47 4.30
CA PRO A 11 -16.49 -14.15 3.64
C PRO A 11 -15.30 -13.35 4.13
N VAL A 12 -14.09 -13.84 3.85
CA VAL A 12 -12.87 -13.20 4.32
C VAL A 12 -12.58 -11.97 3.47
N SER A 13 -12.35 -10.84 4.13
CA SER A 13 -12.03 -9.63 3.41
C SER A 13 -10.78 -9.82 2.55
N PRO A 14 -10.80 -9.37 1.29
CA PRO A 14 -9.58 -9.41 0.48
C PRO A 14 -8.42 -8.65 1.09
N LEU A 15 -8.68 -7.68 1.98
CA LEU A 15 -7.57 -6.94 2.58
C LEU A 15 -6.66 -7.85 3.41
N LYS A 16 -7.14 -9.01 3.86
CA LYS A 16 -6.29 -9.93 4.61
C LYS A 16 -5.11 -10.40 3.76
N HIS A 17 -5.25 -10.35 2.44
CA HIS A 17 -4.13 -10.68 1.56
C HIS A 17 -2.95 -9.75 1.80
N PHE A 18 -3.20 -8.44 1.93
CA PHE A 18 -2.12 -7.49 2.24
C PHE A 18 -1.57 -7.73 3.63
N VAL A 19 -2.44 -7.94 4.62
CA VAL A 19 -1.99 -8.20 5.98
C VAL A 19 -1.07 -9.40 6.04
N LEU A 20 -1.43 -10.47 5.34
CA LEU A 20 -0.64 -11.70 5.34
C LEU A 20 0.67 -11.50 4.61
N ALA A 21 0.66 -10.75 3.51
CA ALA A 21 1.91 -10.47 2.81
C ALA A 21 2.84 -9.65 3.68
N LYS A 22 2.30 -8.64 4.37
CA LYS A 22 3.13 -7.80 5.21
C LYS A 22 3.77 -8.60 6.32
N LYS A 23 2.99 -9.48 6.95
CA LYS A 23 3.52 -10.36 7.99
C LYS A 23 4.63 -11.23 7.44
N ALA A 24 4.44 -11.76 6.23
CA ALA A 24 5.38 -12.73 5.69
C ALA A 24 6.71 -12.08 5.33
N ILE A 25 6.67 -10.91 4.70
CA ILE A 25 7.90 -10.27 4.25
C ILE A 25 8.65 -9.67 5.43
N THR A 26 7.94 -9.15 6.44
CA THR A 26 8.64 -8.66 7.63
C THR A 26 9.33 -9.81 8.36
N ALA A 27 8.70 -10.98 8.41
CA ALA A 27 9.34 -12.14 9.03
C ALA A 27 10.59 -12.54 8.27
N ILE A 28 10.54 -12.50 6.94
CA ILE A 28 11.74 -12.80 6.15
C ILE A 28 12.85 -11.80 6.46
N PHE A 29 12.51 -10.51 6.55
CA PHE A 29 13.58 -9.53 6.76
C PHE A 29 14.12 -9.61 8.18
N ASP A 30 13.32 -10.04 9.15
CA ASP A 30 13.87 -10.32 10.48
C ASP A 30 14.90 -11.44 10.41
N GLN A 31 14.56 -12.52 9.70
CA GLN A 31 15.49 -13.63 9.51
C GLN A 31 16.72 -13.20 8.74
N LEU A 32 16.54 -12.36 7.71
CA LEU A 32 17.67 -11.94 6.88
C LEU A 32 18.67 -11.10 7.68
N LEU A 33 18.18 -10.20 8.52
CA LEU A 33 19.08 -9.44 9.37
C LEU A 33 19.86 -10.35 10.31
N GLU A 34 19.18 -11.34 10.91
CA GLU A 34 19.87 -12.28 11.79
C GLU A 34 20.93 -13.06 11.03
N PHE A 35 20.58 -13.53 9.82
CA PHE A 35 21.54 -14.32 9.05
C PHE A 35 22.74 -13.49 8.61
N VAL A 36 22.50 -12.28 8.11
CA VAL A 36 23.62 -11.46 7.65
C VAL A 36 24.50 -11.05 8.81
N THR A 37 23.93 -10.85 10.00
CA THR A 37 24.74 -10.57 11.18
C THR A 37 25.65 -11.75 11.49
N GLU A 38 25.11 -12.97 11.46
CA GLU A 38 25.95 -14.14 11.71
C GLU A 38 27.00 -14.30 10.64
N GLY A 39 26.61 -14.10 9.38
CA GLY A 39 27.58 -14.20 8.30
C GLY A 39 28.67 -13.17 8.40
N SER A 40 28.32 -11.94 8.81
CA SER A 40 29.34 -10.89 8.95
C SER A 40 30.35 -11.24 10.05
N HIS A 41 29.88 -11.76 11.18
CA HIS A 41 30.80 -12.18 12.23
C HIS A 41 31.79 -13.23 11.71
N PHE A 42 31.31 -14.16 10.89
CA PHE A 42 32.19 -15.21 10.36
C PHE A 42 33.19 -14.64 9.38
N VAL A 43 32.72 -13.80 8.46
CA VAL A 43 33.63 -13.18 7.50
C VAL A 43 34.66 -12.33 8.23
N GLU A 44 34.24 -11.59 9.26
CA GLU A 44 35.16 -10.76 10.02
C GLU A 44 36.23 -11.61 10.72
N ALA A 45 35.81 -12.71 11.36
CA ALA A 45 36.78 -13.54 12.06
C ALA A 45 37.77 -14.16 11.08
N THR A 46 37.29 -14.56 9.90
CA THR A 46 38.15 -15.17 8.89
C THR A 46 39.13 -14.13 8.34
N TYR A 47 38.66 -12.93 8.06
CA TYR A 47 39.54 -11.90 7.51
C TYR A 47 40.58 -11.46 8.53
N LYS A 48 40.19 -11.40 9.81
CA LYS A 48 41.07 -10.83 10.82
C LYS A 48 42.03 -11.86 11.41
N ASN A 49 41.89 -13.12 11.06
CA ASN A 49 42.79 -14.18 11.54
C ASN A 49 44.20 -13.95 11.01
N PRO A 50 45.17 -13.58 11.86
CA PRO A 50 46.54 -13.34 11.38
C PRO A 50 47.19 -14.55 10.76
N GLU A 51 46.70 -15.75 11.05
CA GLU A 51 47.29 -16.96 10.46
C GLU A 51 46.72 -17.29 9.09
N LEU A 52 45.76 -16.52 8.60
CA LEU A 52 45.18 -16.73 7.28
C LEU A 52 45.60 -15.61 6.33
N ASP A 53 45.74 -15.96 5.06
CA ASP A 53 46.11 -14.99 4.04
C ASP A 53 45.07 -15.04 2.93
N ARG A 54 44.28 -13.96 2.83
CA ARG A 54 43.36 -13.76 1.72
CA ARG A 54 43.35 -13.75 1.71
C ARG A 54 42.37 -14.92 1.56
N ILE A 55 41.88 -15.43 2.67
CA ILE A 55 40.75 -16.36 2.61
C ILE A 55 39.43 -15.61 2.58
N ALA A 56 39.26 -14.65 3.48
CA ALA A 56 38.24 -13.61 3.36
C ALA A 56 38.94 -12.27 3.22
N THR A 57 38.37 -11.38 2.42
CA THR A 57 39.03 -10.11 2.16
C THR A 57 38.40 -8.99 2.96
N GLU A 58 39.12 -7.88 3.05
CA GLU A 58 38.58 -6.68 3.69
C GLU A 58 37.30 -6.23 3.02
N ASP A 59 37.23 -6.35 1.69
CA ASP A 59 36.03 -5.95 0.97
C ASP A 59 34.88 -6.93 1.15
N ASP A 60 35.16 -8.23 1.32
CA ASP A 60 34.11 -9.16 1.73
C ASP A 60 33.43 -8.65 3.00
N LEU A 61 34.25 -8.19 3.96
CA LEU A 61 33.71 -7.73 5.23
C LEU A 61 32.94 -6.42 5.05
N VAL A 62 33.50 -5.48 4.28
CA VAL A 62 32.79 -4.23 4.02
C VAL A 62 31.43 -4.50 3.39
N GLU A 63 31.37 -5.41 2.43
CA GLU A 63 30.08 -5.74 1.82
C GLU A 63 29.10 -6.25 2.87
N MET A 64 29.53 -7.23 3.68
CA MET A 64 28.64 -7.82 4.68
C MET A 64 28.20 -6.79 5.70
N GLN A 65 29.11 -5.94 6.16
CA GLN A 65 28.77 -4.91 7.13
C GLN A 65 27.78 -3.90 6.54
N GLY A 66 27.95 -3.57 5.26
CA GLY A 66 27.01 -2.65 4.63
C GLY A 66 25.60 -3.20 4.57
N TYR A 67 25.47 -4.49 4.24
CA TYR A 67 24.16 -5.14 4.26
C TYR A 67 23.59 -5.14 5.67
N LYS A 68 24.40 -5.53 6.64
CA LYS A 68 23.97 -5.53 8.04
C LYS A 68 23.42 -4.17 8.43
N ASP A 69 24.11 -3.11 8.02
CA ASP A 69 23.78 -1.74 8.44
C ASP A 69 22.54 -1.19 7.79
N LYS A 70 22.01 -1.81 6.74
CA LYS A 70 20.81 -1.29 6.11
C LYS A 70 19.61 -2.22 6.23
N LEU A 71 19.77 -3.43 6.78
CA LEU A 71 18.63 -4.34 6.81
C LEU A 71 17.63 -3.98 7.90
N SER A 72 18.06 -3.36 8.99
CA SER A 72 17.10 -2.99 10.03
C SER A 72 16.14 -1.92 9.53
N ILE A 73 16.63 -0.92 8.80
CA ILE A 73 15.71 0.12 8.34
C ILE A 73 14.75 -0.43 7.29
N ILE A 74 15.15 -1.42 6.49
CA ILE A 74 14.18 -2.03 5.57
C ILE A 74 13.06 -2.68 6.36
N GLY A 75 13.40 -3.39 7.43
CA GLY A 75 12.38 -4.01 8.25
C GLY A 75 11.44 -2.99 8.88
N GLU A 76 12.00 -1.86 9.33
CA GLU A 76 11.16 -0.84 9.94
C GLU A 76 10.25 -0.19 8.91
N VAL A 77 10.76 0.09 7.72
CA VAL A 77 9.93 0.67 6.67
C VAL A 77 8.82 -0.30 6.29
N LEU A 78 9.15 -1.59 6.16
CA LEU A 78 8.13 -2.58 5.83
C LEU A 78 7.05 -2.63 6.89
N SER A 79 7.43 -2.46 8.16
CA SER A 79 6.48 -2.61 9.26
C SER A 79 5.44 -1.50 9.28
N ARG A 80 5.69 -0.40 8.57
CA ARG A 80 4.72 0.69 8.51
CA ARG A 80 4.74 0.70 8.49
C ARG A 80 4.00 0.77 7.17
N ARG A 81 4.27 -0.17 6.26
CA ARG A 81 3.61 -0.13 4.95
CA ARG A 81 3.62 -0.19 4.95
C ARG A 81 2.12 -0.38 5.09
N HIS A 82 1.35 0.32 4.27
CA HIS A 82 -0.10 0.23 4.35
C HIS A 82 -0.70 0.49 2.98
N MET A 83 -1.97 0.16 2.85
CA MET A 83 -2.73 0.47 1.66
C MET A 83 -3.32 1.87 1.76
N LYS A 84 -3.40 2.56 0.64
CA LYS A 84 -3.92 3.93 0.64
C LYS A 84 -4.89 4.13 -0.51
N VAL A 85 -6.08 4.63 -0.19
CA VAL A 85 -7.06 5.02 -1.20
C VAL A 85 -7.35 6.50 -1.05
N ALA A 86 -7.39 7.20 -2.19
CA ALA A 86 -7.58 8.65 -2.18
C ALA A 86 -8.84 8.98 -2.97
N PHE A 87 -9.67 9.84 -2.40
CA PHE A 87 -10.96 10.23 -2.98
C PHE A 87 -10.88 11.65 -3.53
N PHE A 88 -11.39 11.82 -4.74
CA PHE A 88 -11.35 13.10 -5.42
C PHE A 88 -12.72 13.39 -6.01
N GLY A 89 -12.96 14.66 -6.31
CA GLY A 89 -14.23 15.00 -6.93
C GLY A 89 -14.60 16.45 -6.66
N ARG A 90 -15.64 16.88 -7.35
CA ARG A 90 -16.14 18.24 -7.18
C ARG A 90 -16.69 18.44 -5.78
N THR A 91 -16.62 19.70 -5.32
CA THR A 91 -17.32 20.11 -4.10
C THR A 91 -18.73 19.54 -4.08
N SER A 92 -19.11 18.99 -2.91
CA SER A 92 -20.44 18.47 -2.61
C SER A 92 -20.82 17.23 -3.41
N SER A 93 -19.85 16.57 -4.03
CA SER A 93 -20.18 15.33 -4.75
C SER A 93 -20.49 14.17 -3.80
N GLY A 94 -20.04 14.23 -2.56
CA GLY A 94 -20.24 13.17 -1.60
C GLY A 94 -19.00 12.43 -1.17
N LYS A 95 -17.81 12.99 -1.39
CA LYS A 95 -16.57 12.30 -1.04
C LYS A 95 -16.56 11.90 0.43
N SER A 96 -16.79 12.86 1.32
CA SER A 96 -16.72 12.55 2.73
C SER A 96 -17.79 11.54 3.14
N SER A 97 -18.96 11.56 2.49
CA SER A 97 -20.01 10.61 2.82
C SER A 97 -19.65 9.20 2.33
N VAL A 98 -18.99 9.08 1.17
CA VAL A 98 -18.52 7.78 0.71
C VAL A 98 -17.54 7.17 1.72
N ILE A 99 -16.58 7.97 2.19
CA ILE A 99 -15.63 7.50 3.18
C ILE A 99 -16.35 7.05 4.44
N ASN A 100 -17.30 7.88 4.92
CA ASN A 100 -18.05 7.55 6.13
C ASN A 100 -18.84 6.26 5.96
N ALA A 101 -19.45 6.07 4.79
CA ALA A 101 -20.19 4.84 4.55
C ALA A 101 -19.26 3.61 4.61
N MET A 102 -18.04 3.74 4.06
CA MET A 102 -17.12 2.62 4.09
C MET A 102 -16.65 2.33 5.51
N LEU A 103 -16.62 3.34 6.37
CA LEU A 103 -16.21 3.22 7.77
C LEU A 103 -17.37 2.91 8.70
N TRP A 104 -18.60 2.85 8.20
CA TRP A 104 -19.77 2.51 9.01
C TRP A 104 -20.06 3.54 10.09
N ASP A 105 -19.64 4.79 9.91
CA ASP A 105 -19.93 5.81 10.91
C ASP A 105 -19.65 7.18 10.34
N LYS A 106 -20.23 8.22 10.96
CA LYS A 106 -19.94 9.59 10.57
C LYS A 106 -18.60 10.00 11.20
N VAL A 107 -17.52 9.57 10.55
CA VAL A 107 -16.18 9.91 11.02
C VAL A 107 -15.81 11.34 10.63
N LEU A 108 -16.12 11.70 9.43
CA LEU A 108 -15.83 13.02 8.89
C LEU A 108 -17.08 13.87 8.85
N PRO A 109 -16.98 15.15 9.17
CA PRO A 109 -18.16 16.01 9.19
C PRO A 109 -18.48 16.52 7.79
N SER A 110 -19.57 17.29 7.71
CA SER A 110 -19.98 17.97 6.49
C SER A 110 -19.94 19.48 6.72
N GLY A 111 -20.37 20.24 5.71
CA GLY A 111 -20.11 21.66 5.75
C GLY A 111 -18.62 21.90 5.53
N ILE A 112 -18.16 23.07 5.99
CA ILE A 112 -16.74 23.48 5.98
C ILE A 112 -16.05 23.11 4.67
N GLY A 113 -16.72 23.34 3.55
CA GLY A 113 -16.16 22.98 2.26
C GLY A 113 -15.31 24.07 1.62
N HIS A 114 -14.83 25.02 2.43
CA HIS A 114 -14.11 26.17 1.91
C HIS A 114 -12.60 25.96 1.85
N ILE A 115 -12.08 24.90 2.47
CA ILE A 115 -10.64 24.64 2.41
C ILE A 115 -10.28 24.18 1.01
N THR A 116 -9.45 24.98 0.32
CA THR A 116 -9.17 24.77 -1.09
C THR A 116 -7.91 23.97 -1.37
N ASN A 117 -7.10 23.69 -0.34
CA ASN A 117 -5.80 23.09 -0.62
C ASN A 117 -5.33 22.08 0.43
N CYS A 118 -6.13 21.74 1.42
CA CYS A 118 -5.69 20.89 2.52
C CYS A 118 -6.46 19.58 2.54
N PHE A 119 -5.76 18.52 2.93
CA PHE A 119 -6.22 17.14 2.83
C PHE A 119 -6.44 16.56 4.23
N LEU A 120 -7.24 15.49 4.26
CA LEU A 120 -7.54 14.80 5.50
C LEU A 120 -7.41 13.31 5.24
N SER A 121 -6.79 12.59 6.16
CA SER A 121 -6.70 11.14 6.08
C SER A 121 -7.33 10.52 7.31
N VAL A 122 -7.80 9.29 7.16
CA VAL A 122 -8.30 8.48 8.27
C VAL A 122 -7.48 7.19 8.33
N GLU A 123 -6.97 6.87 9.52
CA GLU A 123 -6.24 5.63 9.74
C GLU A 123 -6.64 5.05 11.08
N GLY A 124 -6.32 3.78 11.27
CA GLY A 124 -6.71 3.08 12.48
C GLY A 124 -5.80 3.40 13.65
N THR A 125 -6.39 3.43 14.84
CA THR A 125 -5.63 3.48 16.09
C THR A 125 -5.97 2.28 16.96
N ASP A 126 -4.97 1.78 17.67
CA ASP A 126 -5.20 0.68 18.59
C ASP A 126 -5.95 1.13 19.84
N GLY A 127 -5.95 2.42 20.13
CA GLY A 127 -6.71 2.94 21.25
C GLY A 127 -8.20 2.86 21.02
N ASP A 128 -8.96 3.25 22.05
CA ASP A 128 -10.41 3.20 21.99
C ASP A 128 -11.05 4.56 21.79
N LYS A 129 -10.25 5.62 21.69
CA LYS A 129 -10.74 6.98 21.49
C LYS A 129 -10.24 7.52 20.16
N ALA A 130 -11.13 8.15 19.39
CA ALA A 130 -10.72 8.85 18.19
C ALA A 130 -10.01 10.14 18.54
N TYR A 131 -9.08 10.56 17.68
CA TYR A 131 -8.40 11.83 17.85
C TYR A 131 -7.85 12.24 16.49
N LEU A 132 -7.31 13.46 16.42
CA LEU A 132 -6.62 13.89 15.21
C LEU A 132 -5.26 14.48 15.56
N MET A 133 -4.41 14.60 14.54
CA MET A 133 -3.11 15.24 14.67
C MET A 133 -2.88 16.16 13.47
N THR A 134 -2.32 17.34 13.72
CA THR A 134 -1.95 18.25 12.65
C THR A 134 -0.46 18.13 12.35
N GLU A 135 -0.04 18.78 11.26
CA GLU A 135 1.34 18.63 10.79
C GLU A 135 2.34 19.15 11.81
N GLY A 136 3.50 18.50 11.85
CA GLY A 136 4.56 18.91 12.74
C GLY A 136 4.19 18.91 14.20
N SER A 137 3.30 18.01 14.61
CA SER A 137 2.83 17.96 15.99
C SER A 137 2.61 16.52 16.39
N ASP A 138 2.74 16.26 17.69
CA ASP A 138 2.46 14.97 18.31
C ASP A 138 1.18 14.96 19.12
N GLU A 139 0.56 16.12 19.31
CA GLU A 139 -0.60 16.28 20.18
C GLU A 139 -1.81 15.55 19.62
N LYS A 140 -2.48 14.78 20.47
CA LYS A 140 -3.70 14.08 20.09
C LYS A 140 -4.88 14.96 20.44
N LYS A 141 -5.44 15.61 19.42
CA LYS A 141 -6.50 16.59 19.56
C LYS A 141 -7.86 15.94 19.34
N SER A 142 -8.89 16.52 19.95
CA SER A 142 -10.24 16.02 19.77
C SER A 142 -10.66 16.12 18.30
N VAL A 143 -11.32 15.08 17.80
CA VAL A 143 -11.80 15.13 16.42
C VAL A 143 -12.87 16.18 16.24
N LYS A 144 -13.46 16.68 17.32
CA LYS A 144 -14.45 17.74 17.21
C LYS A 144 -13.85 19.09 16.83
N THR A 145 -12.53 19.19 16.71
CA THR A 145 -11.87 20.41 16.27
C THR A 145 -11.58 20.43 14.77
N VAL A 146 -12.01 19.40 14.02
CA VAL A 146 -11.80 19.37 12.58
C VAL A 146 -12.33 20.62 11.92
N ASN A 147 -13.53 21.06 12.29
CA ASN A 147 -14.19 22.20 11.68
C ASN A 147 -13.65 23.55 12.16
N GLN A 148 -12.73 23.56 13.11
CA GLN A 148 -12.20 24.80 13.66
C GLN A 148 -10.75 25.06 13.31
N LEU A 149 -10.07 24.11 12.65
CA LEU A 149 -8.67 24.31 12.28
C LEU A 149 -8.56 25.48 11.31
N ALA A 150 -7.65 26.41 11.63
CA ALA A 150 -7.65 27.71 10.97
C ALA A 150 -7.30 27.59 9.49
N HIS A 151 -6.22 26.87 9.16
CA HIS A 151 -5.73 26.75 7.78
C HIS A 151 -5.43 28.12 7.17
N ALA A 152 -4.94 29.04 8.00
CA ALA A 152 -4.72 30.42 7.53
C ALA A 152 -3.62 30.48 6.48
N LEU A 153 -2.41 30.08 6.86
CA LEU A 153 -1.24 30.20 5.97
C LEU A 153 -1.32 29.28 4.75
N HIS A 154 -2.25 28.34 4.71
CA HIS A 154 -2.29 27.35 3.64
C HIS A 154 -3.71 27.10 3.15
N ALA A 161 -0.31 22.30 -2.34
CA ALA A 161 0.67 22.93 -1.47
C ALA A 161 0.07 23.25 -0.10
N GLY A 162 -0.93 22.45 0.30
CA GLY A 162 -1.58 22.61 1.58
C GLY A 162 -1.11 21.58 2.60
N CYS A 163 -1.88 21.48 3.68
CA CYS A 163 -1.50 20.62 4.80
C CYS A 163 -2.35 19.35 4.81
N LEU A 164 -1.91 18.41 5.65
CA LEU A 164 -2.60 17.15 5.87
C LEU A 164 -2.99 17.07 7.33
N VAL A 165 -4.28 16.83 7.59
CA VAL A 165 -4.76 16.56 8.94
C VAL A 165 -5.02 15.07 9.04
N ARG A 166 -4.48 14.42 10.07
CA ARG A 166 -4.56 12.98 10.22
C ARG A 166 -5.62 12.65 11.28
N VAL A 167 -6.67 11.94 10.88
CA VAL A 167 -7.69 11.46 11.80
C VAL A 167 -7.40 10.00 12.12
N PHE A 168 -7.52 9.67 13.41
CA PHE A 168 -7.28 8.33 13.93
C PHE A 168 -8.58 7.81 14.51
N TRP A 169 -9.02 6.65 14.04
CA TRP A 169 -10.29 6.09 14.43
C TRP A 169 -10.05 4.67 14.94
N PRO A 170 -10.70 4.27 16.04
CA PRO A 170 -10.40 2.98 16.65
C PRO A 170 -10.52 1.82 15.66
N LYS A 171 -9.46 1.01 15.58
CA LYS A 171 -9.46 -0.14 14.68
C LYS A 171 -10.57 -1.13 15.05
N ALA A 172 -10.96 -1.16 16.32
CA ALA A 172 -12.00 -2.09 16.74
C ALA A 172 -13.36 -1.75 16.13
N LYS A 173 -13.52 -0.53 15.61
CA LYS A 173 -14.80 -0.09 15.07
C LYS A 173 -14.89 -0.18 13.56
N CYS A 174 -13.78 -0.40 12.84
CA CYS A 174 -13.80 -0.49 11.38
CA CYS A 174 -13.82 -0.52 11.39
C CYS A 174 -12.80 -1.53 10.92
N ALA A 175 -13.28 -2.59 10.25
CA ALA A 175 -12.40 -3.64 9.74
C ALA A 175 -11.39 -3.08 8.74
N LEU A 176 -11.80 -2.14 7.88
CA LEU A 176 -10.87 -1.60 6.89
C LEU A 176 -9.64 -1.01 7.57
N LEU A 177 -9.84 -0.28 8.66
CA LEU A 177 -8.70 0.34 9.34
C LEU A 177 -7.88 -0.71 10.08
N ARG A 178 -8.55 -1.72 10.62
CA ARG A 178 -7.82 -2.82 11.26
CA ARG A 178 -7.82 -2.82 11.26
C ARG A 178 -6.90 -3.51 10.27
N ASP A 179 -7.32 -3.61 9.01
CA ASP A 179 -6.55 -4.34 8.00
C ASP A 179 -5.64 -3.43 7.19
N ASP A 180 -5.17 -2.33 7.79
CA ASP A 180 -4.08 -1.50 7.28
C ASP A 180 -4.49 -0.67 6.06
N LEU A 181 -5.74 -0.24 5.98
CA LEU A 181 -6.16 0.72 4.96
C LEU A 181 -6.16 2.13 5.53
N VAL A 182 -5.67 3.08 4.75
CA VAL A 182 -5.72 4.50 5.05
C VAL A 182 -6.51 5.19 3.94
N LEU A 183 -7.45 6.07 4.32
CA LEU A 183 -8.36 6.70 3.37
C LEU A 183 -8.10 8.19 3.38
N VAL A 184 -7.98 8.79 2.19
CA VAL A 184 -7.59 10.20 2.06
C VAL A 184 -8.74 10.96 1.41
N ASP A 185 -9.14 12.06 2.04
CA ASP A 185 -10.23 12.93 1.60
C ASP A 185 -9.60 14.23 1.10
N SER A 186 -10.11 14.77 0.01
CA SER A 186 -9.45 15.87 -0.69
C SER A 186 -10.37 17.07 -0.84
N PRO A 187 -9.83 18.25 -1.11
CA PRO A 187 -10.67 19.40 -1.45
C PRO A 187 -11.25 19.23 -2.85
N GLY A 188 -12.23 20.08 -3.16
CA GLY A 188 -12.85 20.00 -4.47
C GLY A 188 -11.86 20.29 -5.58
N THR A 189 -11.94 19.48 -6.65
CA THR A 189 -11.05 19.71 -7.78
C THR A 189 -11.44 20.98 -8.52
N ASP A 190 -12.70 21.39 -8.44
CA ASP A 190 -13.18 22.59 -9.10
C ASP A 190 -12.76 23.85 -8.36
N GLU A 194 -1.99 23.94 -8.33
CA GLU A 194 -0.99 23.48 -9.29
C GLU A 194 -1.21 22.01 -9.62
N LEU A 195 -2.09 21.37 -8.85
CA LEU A 195 -2.44 19.95 -8.96
C LEU A 195 -1.22 19.03 -8.97
N ASP A 196 -0.17 19.37 -9.73
CA ASP A 196 1.06 18.60 -9.65
C ASP A 196 1.58 18.54 -8.23
N SER A 197 1.35 19.60 -7.45
CA SER A 197 1.70 19.58 -6.03
C SER A 197 0.83 18.59 -5.27
N TRP A 198 -0.45 18.47 -5.64
CA TRP A 198 -1.31 17.45 -5.04
C TRP A 198 -0.75 16.06 -5.31
N ILE A 199 -0.34 15.80 -6.55
CA ILE A 199 0.18 14.49 -6.89
C ILE A 199 1.44 14.20 -6.09
N ASP A 200 2.39 15.14 -6.08
CA ASP A 200 3.65 14.92 -5.39
C ASP A 200 3.44 14.71 -3.89
N LYS A 201 2.53 15.45 -3.27
CA LYS A 201 2.45 15.43 -1.82
C LYS A 201 1.53 14.33 -1.29
N PHE A 202 0.51 13.94 -2.04
CA PHE A 202 -0.48 13.00 -1.51
C PHE A 202 -0.68 11.75 -2.35
N CYS A 203 -0.24 11.70 -3.61
CA CYS A 203 -0.68 10.67 -4.53
C CYS A 203 0.38 9.64 -4.90
N LEU A 204 1.65 9.86 -4.56
CA LEU A 204 2.71 8.99 -5.08
C LEU A 204 2.60 7.58 -4.53
N ASP A 205 2.08 7.42 -3.32
CA ASP A 205 1.91 6.09 -2.73
C ASP A 205 0.45 5.70 -2.59
N ALA A 206 -0.45 6.34 -3.35
CA ALA A 206 -1.86 5.94 -3.33
C ALA A 206 -2.04 4.73 -4.25
N ASP A 207 -2.66 3.69 -3.72
CA ASP A 207 -2.87 2.49 -4.51
C ASP A 207 -4.12 2.53 -5.36
N VAL A 208 -5.16 3.23 -4.91
CA VAL A 208 -6.40 3.36 -5.66
C VAL A 208 -6.86 4.81 -5.57
N PHE A 209 -7.41 5.31 -6.68
CA PHE A 209 -7.98 6.64 -6.76
C PHE A 209 -9.47 6.48 -7.01
N VAL A 210 -10.30 7.20 -6.27
CA VAL A 210 -11.75 7.09 -6.43
C VAL A 210 -12.27 8.46 -6.79
N LEU A 211 -12.90 8.56 -7.96
CA LEU A 211 -13.56 9.79 -8.38
CA LEU A 211 -13.56 9.78 -8.40
C LEU A 211 -15.02 9.70 -7.99
N VAL A 212 -15.46 10.60 -7.11
CA VAL A 212 -16.86 10.66 -6.68
C VAL A 212 -17.55 11.75 -7.48
N ALA A 213 -18.67 11.42 -8.11
CA ALA A 213 -19.36 12.36 -8.98
C ALA A 213 -20.82 12.44 -8.58
N ASN A 214 -21.39 13.63 -8.76
CA ASN A 214 -22.81 13.86 -8.54
C ASN A 214 -23.57 13.33 -9.75
N SER A 215 -24.35 12.27 -9.55
CA SER A 215 -25.08 11.66 -10.67
C SER A 215 -26.18 12.57 -11.23
N GLU A 216 -26.56 13.62 -10.51
CA GLU A 216 -27.48 14.60 -11.06
C GLU A 216 -26.80 15.60 -11.99
N SER A 217 -25.48 15.52 -12.14
CA SER A 217 -24.72 16.34 -13.06
C SER A 217 -24.08 15.45 -14.14
N THR A 218 -22.98 15.90 -14.72
CA THR A 218 -22.26 15.20 -15.78
C THR A 218 -20.77 15.23 -15.42
N LEU A 219 -20.05 14.16 -15.79
CA LEU A 219 -18.61 14.13 -15.57
C LEU A 219 -17.94 15.32 -16.25
N MET A 220 -17.19 16.12 -15.48
CA MET A 220 -16.65 17.40 -15.88
CA MET A 220 -16.67 17.35 -16.03
C MET A 220 -15.18 17.29 -16.27
N ASN A 221 -14.73 18.23 -17.09
CA ASN A 221 -13.34 18.22 -17.54
C ASN A 221 -12.36 18.58 -16.43
N THR A 222 -12.75 19.43 -15.48
CA THR A 222 -11.80 19.71 -14.39
C THR A 222 -11.45 18.44 -13.64
N GLU A 223 -12.42 17.52 -13.47
CA GLU A 223 -12.10 16.26 -12.82
C GLU A 223 -11.29 15.36 -13.76
N LYS A 224 -11.68 15.32 -15.04
CA LYS A 224 -10.90 14.54 -15.99
C LYS A 224 -9.45 15.00 -16.01
N HIS A 225 -9.22 16.31 -15.99
CA HIS A 225 -7.86 16.82 -16.10
CA HIS A 225 -7.86 16.83 -16.10
C HIS A 225 -6.99 16.32 -14.96
N PHE A 226 -7.53 16.28 -13.74
CA PHE A 226 -6.73 15.79 -12.63
C PHE A 226 -6.29 14.35 -12.86
N PHE A 227 -7.19 13.52 -13.34
CA PHE A 227 -6.83 12.13 -13.54
C PHE A 227 -5.94 11.92 -14.76
N HIS A 228 -5.99 12.81 -15.75
CA HIS A 228 -4.95 12.79 -16.80
C HIS A 228 -3.57 13.04 -16.20
N LYS A 229 -3.48 13.97 -15.25
CA LYS A 229 -2.21 14.23 -14.61
C LYS A 229 -1.75 13.02 -13.80
N VAL A 230 -2.65 12.39 -13.06
CA VAL A 230 -2.30 11.15 -12.34
C VAL A 230 -1.79 10.10 -13.33
N ASN A 231 -2.53 9.92 -14.43
CA ASN A 231 -2.19 8.91 -15.43
C ASN A 231 -0.87 9.21 -16.13
N GLU A 232 -0.52 10.48 -16.27
CA GLU A 232 0.78 10.82 -16.84
C GLU A 232 1.90 10.53 -15.86
N ARG A 233 1.66 10.77 -14.57
CA ARG A 233 2.73 10.65 -13.58
C ARG A 233 2.96 9.20 -13.14
N LEU A 234 1.91 8.37 -13.15
CA LEU A 234 1.93 7.02 -12.60
C LEU A 234 1.55 6.02 -13.69
N SER A 235 2.08 4.80 -13.59
CA SER A 235 1.80 3.78 -14.58
C SER A 235 0.58 2.98 -14.15
N LYS A 236 -0.40 2.87 -15.06
CA LYS A 236 -1.62 2.09 -14.89
C LYS A 236 -2.27 2.31 -13.51
N PRO A 237 -2.62 3.55 -13.17
CA PRO A 237 -3.25 3.78 -11.86
C PRO A 237 -4.62 3.12 -11.80
N ASN A 238 -4.97 2.62 -10.61
CA ASN A 238 -6.28 2.02 -10.38
C ASN A 238 -7.30 3.11 -10.10
N ILE A 239 -8.31 3.24 -10.96
CA ILE A 239 -9.27 4.32 -10.85
C ILE A 239 -10.67 3.75 -10.83
N PHE A 240 -11.46 4.16 -9.83
CA PHE A 240 -12.88 3.86 -9.74
C PHE A 240 -13.67 5.15 -9.89
N ILE A 241 -14.86 5.07 -10.47
CA ILE A 241 -15.79 6.20 -10.54
C ILE A 241 -17.05 5.80 -9.79
N LEU A 242 -17.41 6.58 -8.77
CA LEU A 242 -18.65 6.36 -8.04
C LEU A 242 -19.61 7.48 -8.43
N ASN A 243 -20.70 7.12 -9.10
CA ASN A 243 -21.73 8.07 -9.46
C ASN A 243 -22.69 8.09 -8.28
N ASN A 244 -22.51 9.08 -7.41
CA ASN A 244 -23.16 9.15 -6.11
C ASN A 244 -24.49 9.89 -6.24
N ARG A 245 -25.26 9.91 -5.15
CA ARG A 245 -26.59 10.52 -5.10
CA ARG A 245 -26.59 10.52 -5.10
C ARG A 245 -27.57 9.83 -6.05
N TRP A 246 -27.34 8.54 -6.30
CA TRP A 246 -28.20 7.78 -7.19
C TRP A 246 -29.60 7.61 -6.62
N ASP A 247 -29.78 7.85 -5.31
CA ASP A 247 -31.12 7.84 -4.74
C ASP A 247 -32.00 8.94 -5.32
N ALA A 248 -31.41 9.94 -5.99
CA ALA A 248 -32.20 11.07 -6.45
C ALA A 248 -33.17 10.70 -7.56
N SER A 249 -32.98 9.57 -8.25
CA SER A 249 -33.96 9.15 -9.25
C SER A 249 -34.76 7.93 -8.80
N ALA A 250 -34.77 7.61 -7.51
CA ALA A 250 -35.62 6.54 -7.00
C ALA A 250 -37.09 6.81 -7.34
N SER A 251 -37.80 5.75 -7.71
CA SER A 251 -39.19 5.78 -8.16
C SER A 251 -39.33 6.36 -9.56
N GLU A 252 -38.22 6.63 -10.24
CA GLU A 252 -38.23 6.97 -11.66
C GLU A 252 -37.34 5.98 -12.41
N PRO A 253 -37.71 4.70 -12.43
CA PRO A 253 -36.77 3.69 -12.95
C PRO A 253 -36.51 3.80 -14.44
N GLU A 254 -37.50 4.21 -15.23
CA GLU A 254 -37.28 4.38 -16.67
C GLU A 254 -36.32 5.54 -16.94
N TYR A 255 -36.53 6.67 -16.27
CA TYR A 255 -35.58 7.78 -16.35
C TYR A 255 -34.18 7.34 -15.89
N MET A 256 -34.13 6.68 -14.73
CA MET A 256 -32.86 6.22 -14.18
C MET A 256 -32.10 5.34 -15.18
N GLU A 257 -32.81 4.46 -15.87
CA GLU A 257 -32.17 3.60 -16.87
C GLU A 257 -31.47 4.42 -17.95
N ASP A 258 -32.12 5.49 -18.42
CA ASP A 258 -31.53 6.31 -19.48
C ASP A 258 -30.36 7.14 -18.96
N VAL A 259 -30.49 7.71 -17.76
CA VAL A 259 -29.37 8.47 -17.18
C VAL A 259 -28.19 7.55 -16.94
N ARG A 260 -28.46 6.31 -16.50
CA ARG A 260 -27.37 5.38 -16.27
CA ARG A 260 -27.37 5.38 -16.27
C ARG A 260 -26.61 5.10 -17.55
N ARG A 261 -27.34 4.87 -18.65
CA ARG A 261 -26.69 4.66 -19.94
C ARG A 261 -25.81 5.84 -20.32
N GLN A 262 -26.32 7.07 -20.14
CA GLN A 262 -25.55 8.24 -20.51
C GLN A 262 -24.30 8.36 -19.66
N HIS A 263 -24.43 8.15 -18.34
CA HIS A 263 -23.26 8.20 -17.47
C HIS A 263 -22.26 7.12 -17.83
N MET A 264 -22.75 5.90 -18.05
CA MET A 264 -21.85 4.80 -18.42
C MET A 264 -21.09 5.13 -19.70
N GLU A 265 -21.77 5.67 -20.71
CA GLU A 265 -21.08 5.99 -21.95
C GLU A 265 -19.94 6.97 -21.71
N ARG A 266 -20.19 8.00 -20.91
CA ARG A 266 -19.17 9.02 -20.71
C ARG A 266 -18.04 8.52 -19.80
N CYS A 267 -18.39 7.78 -18.75
CA CYS A 267 -17.37 7.25 -17.84
C CYS A 267 -16.55 6.17 -18.51
N LEU A 268 -17.18 5.30 -19.31
CA LEU A 268 -16.44 4.29 -20.07
C LEU A 268 -15.46 4.95 -21.03
N HIS A 269 -15.93 5.95 -21.78
CA HIS A 269 -15.05 6.60 -22.73
C HIS A 269 -13.86 7.22 -22.03
N PHE A 270 -14.08 7.81 -20.86
CA PHE A 270 -12.98 8.40 -20.11
C PHE A 270 -11.96 7.34 -19.68
N LEU A 271 -12.43 6.25 -19.06
CA LEU A 271 -11.46 5.26 -18.56
C LEU A 271 -10.79 4.49 -19.68
N VAL A 272 -11.54 4.11 -20.71
CA VAL A 272 -11.05 3.21 -21.74
C VAL A 272 -10.34 3.95 -22.85
N GLU A 273 -10.92 5.05 -23.33
CA GLU A 273 -10.43 5.71 -24.54
C GLU A 273 -9.55 6.91 -24.27
N GLU A 274 -9.80 7.64 -23.18
CA GLU A 274 -9.00 8.82 -22.91
C GLU A 274 -7.81 8.50 -22.00
N LEU A 275 -8.07 7.86 -20.85
CA LEU A 275 -6.98 7.41 -19.99
C LEU A 275 -6.35 6.11 -20.48
N LYS A 276 -7.15 5.22 -21.07
CA LYS A 276 -6.66 3.92 -21.52
C LYS A 276 -6.06 3.11 -20.38
N VAL A 277 -6.72 3.11 -19.22
CA VAL A 277 -6.22 2.34 -18.06
C VAL A 277 -6.92 1.00 -17.89
N VAL A 278 -8.05 0.77 -18.55
CA VAL A 278 -8.77 -0.50 -18.50
C VAL A 278 -9.36 -0.74 -19.88
N ASN A 279 -9.63 -2.01 -20.19
CA ASN A 279 -10.44 -2.23 -21.37
C ASN A 279 -11.92 -2.13 -21.00
N ALA A 280 -12.79 -2.27 -22.00
CA ALA A 280 -14.20 -1.93 -21.78
C ALA A 280 -14.89 -2.95 -20.88
N LEU A 281 -14.42 -4.20 -20.87
CA LEU A 281 -14.98 -5.18 -19.95
C LEU A 281 -14.54 -4.89 -18.51
N GLU A 282 -13.23 -4.69 -18.31
CA GLU A 282 -12.72 -4.31 -16.98
C GLU A 282 -13.42 -3.08 -16.44
N ALA A 283 -13.73 -2.12 -17.31
CA ALA A 283 -14.35 -0.87 -16.86
C ALA A 283 -15.69 -1.09 -16.18
N GLN A 284 -16.39 -2.19 -16.50
N GLN A 284 -16.39 -2.19 -16.50
CA GLN A 284 -17.67 -2.48 -15.86
CA GLN A 284 -17.68 -2.46 -15.86
C GLN A 284 -17.50 -2.66 -14.36
C GLN A 284 -17.52 -2.72 -14.37
N ASN A 285 -16.33 -3.14 -13.94
CA ASN A 285 -16.01 -3.29 -12.52
C ASN A 285 -15.33 -2.06 -11.95
N ARG A 286 -15.37 -0.92 -12.65
CA ARG A 286 -14.78 0.31 -12.11
C ARG A 286 -15.75 1.48 -12.04
N ILE A 287 -16.98 1.32 -12.52
CA ILE A 287 -17.98 2.39 -12.57
C ILE A 287 -19.22 1.90 -11.83
N PHE A 288 -19.63 2.65 -10.80
CA PHE A 288 -20.75 2.23 -9.96
C PHE A 288 -21.71 3.39 -9.71
N PHE A 289 -22.95 3.02 -9.37
CA PHE A 289 -24.04 3.96 -9.13
C PHE A 289 -24.57 3.71 -7.72
N VAL A 290 -24.38 4.68 -6.82
CA VAL A 290 -24.55 4.42 -5.38
C VAL A 290 -25.17 5.63 -4.70
N SER A 291 -25.63 5.41 -3.47
CA SER A 291 -26.10 6.47 -2.58
C SER A 291 -25.33 6.34 -1.26
N ALA A 292 -24.27 7.13 -1.12
CA ALA A 292 -23.51 7.09 0.12
C ALA A 292 -24.37 7.44 1.32
N LYS A 293 -25.35 8.33 1.13
CA LYS A 293 -26.24 8.71 2.21
C LYS A 293 -27.06 7.52 2.70
N GLU A 294 -27.65 6.78 1.76
CA GLU A 294 -28.42 5.59 2.12
C GLU A 294 -27.56 4.55 2.81
N VAL A 295 -26.36 4.30 2.29
CA VAL A 295 -25.51 3.25 2.84
C VAL A 295 -25.11 3.59 4.27
N LEU A 296 -24.71 4.84 4.52
CA LEU A 296 -24.32 5.24 5.86
C LEU A 296 -25.51 5.14 6.81
N SER A 297 -26.70 5.53 6.35
CA SER A 297 -27.87 5.42 7.21
C SER A 297 -28.16 3.96 7.56
N ALA A 298 -27.91 3.04 6.63
CA ALA A 298 -28.15 1.62 6.90
C ALA A 298 -27.14 1.06 7.88
N ARG A 299 -25.92 1.61 7.90
CA ARG A 299 -24.82 1.05 8.68
C ARG A 299 -24.65 1.72 10.04
N LYS A 300 -24.98 3.00 10.16
CA LYS A 300 -24.84 3.69 11.44
C LYS A 300 -25.69 3.03 12.51
N GLN A 301 -25.06 2.67 13.62
CA GLN A 301 -25.77 2.11 14.76
C GLN A 301 -26.41 3.23 15.58
N LYS A 302 -27.51 2.88 16.25
CA LYS A 302 -28.29 3.84 17.05
C LYS A 302 -28.81 4.99 16.19
N VAL A 311 -39.93 4.74 8.74
CA VAL A 311 -40.01 5.28 7.39
C VAL A 311 -39.77 4.17 6.36
N ALA A 312 -40.55 4.18 5.29
CA ALA A 312 -40.33 3.22 4.22
C ALA A 312 -39.08 3.58 3.43
N LEU A 313 -38.27 2.58 3.13
CA LEU A 313 -37.08 2.81 2.33
C LEU A 313 -37.48 3.22 0.91
N ALA A 314 -36.67 4.10 0.31
CA ALA A 314 -36.95 4.53 -1.05
C ALA A 314 -36.90 3.34 -1.99
N GLU A 315 -37.68 3.42 -3.08
CA GLU A 315 -37.64 2.40 -4.12
C GLU A 315 -36.21 2.18 -4.56
N GLY A 316 -35.83 0.91 -4.69
CA GLY A 316 -34.51 0.56 -5.18
C GLY A 316 -33.40 0.61 -4.16
N PHE A 317 -33.74 0.81 -2.87
CA PHE A 317 -32.73 0.98 -1.83
C PHE A 317 -31.81 -0.23 -1.73
N HIS A 318 -32.39 -1.44 -1.71
CA HIS A 318 -31.57 -2.63 -1.52
C HIS A 318 -30.67 -2.88 -2.72
N ALA A 319 -31.18 -2.60 -3.93
CA ALA A 319 -30.34 -2.75 -5.12
C ALA A 319 -29.17 -1.79 -5.06
N ARG A 320 -29.39 -0.55 -4.61
CA ARG A 320 -28.29 0.41 -4.53
C ARG A 320 -27.31 0.01 -3.43
N LEU A 321 -27.81 -0.53 -2.32
CA LEU A 321 -26.93 -1.00 -1.24
C LEU A 321 -26.08 -2.15 -1.72
N GLN A 322 -26.69 -3.11 -2.43
CA GLN A 322 -25.93 -4.22 -3.00
C GLN A 322 -24.88 -3.73 -3.98
N GLU A 323 -25.19 -2.70 -4.78
CA GLU A 323 -24.18 -2.17 -5.68
C GLU A 323 -23.01 -1.57 -4.92
N PHE A 324 -23.29 -0.88 -3.81
CA PHE A 324 -22.20 -0.35 -3.00
C PHE A 324 -21.36 -1.47 -2.40
N GLN A 325 -22.00 -2.52 -1.90
CA GLN A 325 -21.25 -3.65 -1.36
C GLN A 325 -20.44 -4.33 -2.45
N ASN A 326 -20.96 -4.40 -3.69
CA ASN A 326 -20.18 -4.97 -4.79
CA ASN A 326 -20.18 -4.96 -4.78
C ASN A 326 -18.95 -4.13 -5.08
N PHE A 327 -19.12 -2.79 -5.13
CA PHE A 327 -17.96 -1.92 -5.27
C PHE A 327 -16.95 -2.19 -4.16
N GLU A 328 -17.41 -2.35 -2.93
CA GLU A 328 -16.46 -2.51 -1.82
C GLU A 328 -15.64 -3.77 -1.98
N GLN A 329 -16.28 -4.88 -2.38
CA GLN A 329 -15.57 -6.13 -2.59
C GLN A 329 -14.55 -6.02 -3.70
N ILE A 330 -14.96 -5.43 -4.83
CA ILE A 330 -14.06 -5.30 -5.97
C ILE A 330 -12.91 -4.37 -5.62
N PHE A 331 -13.20 -3.28 -4.92
CA PHE A 331 -12.16 -2.36 -4.47
C PHE A 331 -11.17 -3.07 -3.54
N GLU A 332 -11.67 -3.87 -2.59
CA GLU A 332 -10.77 -4.53 -1.65
C GLU A 332 -9.87 -5.51 -2.37
N GLU A 333 -10.42 -6.24 -3.34
CA GLU A 333 -9.62 -7.15 -4.15
C GLU A 333 -8.56 -6.39 -4.94
N CYS A 334 -8.96 -5.27 -5.55
CA CYS A 334 -8.03 -4.48 -6.36
C CYS A 334 -6.88 -3.91 -5.51
N ILE A 335 -7.22 -3.29 -4.36
CA ILE A 335 -6.19 -2.56 -3.66
C ILE A 335 -5.24 -3.52 -2.95
N SER A 336 -5.75 -4.65 -2.47
CA SER A 336 -4.88 -5.60 -1.78
C SER A 336 -3.89 -6.24 -2.75
N GLN A 337 -4.34 -6.61 -3.95
CA GLN A 337 -3.40 -7.17 -4.94
C GLN A 337 -2.39 -6.12 -5.40
N SER A 338 -2.87 -4.90 -5.67
CA SER A 338 -2.00 -3.87 -6.23
C SER A 338 -0.95 -3.41 -5.22
N ALA A 339 -1.37 -3.20 -3.97
CA ALA A 339 -0.45 -2.66 -2.96
C ALA A 339 0.62 -3.65 -2.58
N VAL A 340 0.31 -4.96 -2.54
CA VAL A 340 1.34 -5.94 -2.23
C VAL A 340 2.46 -5.88 -3.26
N LYS A 341 2.09 -5.78 -4.53
CA LYS A 341 3.13 -5.67 -5.55
C LYS A 341 3.86 -4.34 -5.46
N THR A 342 3.10 -3.25 -5.42
CA THR A 342 3.69 -1.91 -5.44
C THR A 342 4.62 -1.70 -4.25
N LYS A 343 4.26 -2.22 -3.09
CA LYS A 343 4.96 -1.83 -1.89
C LYS A 343 5.92 -2.89 -1.35
N PHE A 344 5.84 -4.13 -1.81
CA PHE A 344 6.78 -5.12 -1.29
C PHE A 344 7.70 -5.73 -2.33
N GLU A 345 7.47 -5.48 -3.62
CA GLU A 345 8.29 -6.15 -4.63
C GLU A 345 9.73 -5.67 -4.61
N GLN A 346 9.95 -4.35 -4.48
CA GLN A 346 11.33 -3.87 -4.61
C GLN A 346 12.23 -4.45 -3.53
N HIS A 347 11.74 -4.49 -2.29
CA HIS A 347 12.57 -5.06 -1.24
C HIS A 347 12.66 -6.58 -1.34
N THR A 348 11.68 -7.26 -1.95
CA THR A 348 11.83 -8.69 -2.19
C THR A 348 12.98 -8.95 -3.16
N ILE A 349 13.02 -8.18 -4.24
CA ILE A 349 14.10 -8.29 -5.23
C ILE A 349 15.43 -7.93 -4.61
N ARG A 350 15.44 -6.89 -3.75
CA ARG A 350 16.69 -6.53 -3.08
C ARG A 350 17.17 -7.64 -2.15
N ALA A 351 16.27 -8.24 -1.36
CA ALA A 351 16.67 -9.34 -0.49
C ALA A 351 17.26 -10.49 -1.30
N LYS A 352 16.70 -10.79 -2.47
CA LYS A 352 17.25 -11.85 -3.30
C LYS A 352 18.67 -11.50 -3.75
N GLN A 353 18.88 -10.23 -4.11
CA GLN A 353 20.22 -9.81 -4.53
C GLN A 353 21.21 -9.91 -3.39
N ILE A 354 20.82 -9.45 -2.19
CA ILE A 354 21.71 -9.54 -1.04
C ILE A 354 22.10 -10.99 -0.79
N LEU A 355 21.12 -11.90 -0.85
CA LEU A 355 21.42 -13.31 -0.61
C LEU A 355 22.34 -13.89 -1.67
N ALA A 356 22.13 -13.52 -2.94
CA ALA A 356 23.02 -13.99 -4.00
C ALA A 356 24.45 -13.53 -3.77
N THR A 357 24.62 -12.29 -3.31
CA THR A 357 25.97 -11.79 -3.04
C THR A 357 26.58 -12.47 -1.82
N VAL A 358 25.80 -12.69 -0.77
CA VAL A 358 26.33 -13.40 0.40
C VAL A 358 26.77 -14.80 0.02
N LYS A 359 25.96 -15.49 -0.81
CA LYS A 359 26.37 -16.82 -1.27
C LYS A 359 27.67 -16.74 -2.06
N ASN A 360 27.82 -15.72 -2.91
CA ASN A 360 29.07 -15.56 -3.63
C ASN A 360 30.25 -15.38 -2.68
N ILE A 361 30.03 -14.65 -1.58
CA ILE A 361 31.11 -14.48 -0.62
C ILE A 361 31.44 -15.80 0.06
N MET A 362 30.41 -16.56 0.43
CA MET A 362 30.68 -17.86 1.06
C MET A 362 31.36 -18.81 0.08
N ASP A 363 30.97 -18.75 -1.19
CA ASP A 363 31.64 -19.54 -2.22
C ASP A 363 33.10 -19.15 -2.34
N SER A 364 33.37 -17.84 -2.32
CA SER A 364 34.74 -17.35 -2.44
C SER A 364 35.60 -17.79 -1.26
N VAL A 365 35.04 -17.75 -0.05
CA VAL A 365 35.78 -18.14 1.15
C VAL A 365 36.08 -19.62 1.11
N ASN A 366 35.08 -20.44 0.76
CA ASN A 366 35.27 -21.89 0.72
C ASN A 366 36.31 -22.26 -0.33
N LEU A 367 36.21 -21.64 -1.51
CA LEU A 367 37.13 -21.94 -2.59
C LEU A 367 38.55 -21.50 -2.23
N ALA A 368 38.70 -20.34 -1.59
CA ALA A 368 40.04 -19.91 -1.20
C ALA A 368 40.63 -20.85 -0.17
N ALA A 369 39.82 -21.29 0.80
CA ALA A 369 40.31 -22.20 1.83
C ALA A 369 40.70 -23.54 1.22
N GLU A 370 39.85 -24.07 0.33
CA GLU A 370 40.14 -25.36 -0.28
C GLU A 370 41.36 -25.27 -1.20
N ASP A 371 41.47 -24.18 -1.98
CA ASP A 371 42.67 -23.97 -2.79
C ASP A 371 43.92 -23.98 -1.92
N LYS A 372 43.93 -23.14 -0.89
CA LYS A 372 45.06 -23.06 0.04
C LYS A 372 45.40 -24.44 0.60
N ARG A 373 44.38 -25.19 1.00
CA ARG A 373 44.61 -26.53 1.57
C ARG A 373 45.33 -27.43 0.57
N HIS A 374 45.00 -27.34 -0.70
CA HIS A 374 45.58 -28.22 -1.70
C HIS A 374 46.83 -27.65 -2.37
N TYR A 375 47.10 -26.35 -2.23
CA TYR A 375 48.23 -25.74 -2.93
C TYR A 375 49.45 -25.52 -2.04
N SER A 376 49.26 -24.99 -0.84
CA SER A 376 50.40 -24.61 -0.02
C SER A 376 50.27 -24.91 1.47
N ALA A 377 49.11 -25.38 1.94
CA ALA A 377 48.99 -25.72 3.35
C ALA A 377 49.88 -26.91 3.67
N ARG A 378 50.57 -26.82 4.80
CA ARG A 378 51.53 -27.86 5.18
C ARG A 378 51.11 -28.54 6.48
N LEU A 379 51.09 -27.83 7.61
CA LEU A 379 50.95 -28.50 8.89
C LEU A 379 49.52 -28.99 9.10
N PRO A 380 49.36 -30.17 9.71
CA PRO A 380 48.00 -30.68 9.98
C PRO A 380 47.09 -29.68 10.67
N LYS A 381 47.62 -28.87 11.59
CA LYS A 381 46.76 -27.90 12.27
C LYS A 381 46.24 -26.83 11.33
N GLU A 382 47.07 -26.37 10.39
CA GLU A 382 46.60 -25.42 9.39
C GLU A 382 45.51 -26.05 8.51
N ILE A 383 45.72 -27.30 8.10
CA ILE A 383 44.73 -27.98 7.27
C ILE A 383 43.40 -28.06 8.02
N ASP A 384 43.44 -28.48 9.28
CA ASP A 384 42.22 -28.56 10.07
C ASP A 384 41.55 -27.21 10.22
N GLN A 385 42.35 -26.14 10.33
CA GLN A 385 41.77 -24.80 10.43
C GLN A 385 41.04 -24.42 9.15
N LEU A 386 41.66 -24.67 7.99
CA LEU A 386 41.01 -24.42 6.71
C LEU A 386 39.74 -25.24 6.58
N GLU A 387 39.74 -26.47 7.08
CA GLU A 387 38.56 -27.31 6.94
C GLU A 387 37.37 -26.78 7.75
N LYS A 388 37.64 -26.22 8.93
CA LYS A 388 36.57 -25.60 9.72
C LYS A 388 36.01 -24.36 9.03
N ILE A 389 36.87 -23.58 8.38
CA ILE A 389 36.39 -22.43 7.60
C ILE A 389 35.50 -22.92 6.47
N GLN A 390 35.91 -23.98 5.77
CA GLN A 390 35.07 -24.55 4.72
C GLN A 390 33.71 -24.96 5.28
N ASN A 391 33.70 -25.69 6.40
CA ASN A 391 32.45 -26.18 6.95
C ASN A 391 31.53 -25.05 7.38
N ASN A 392 32.06 -24.04 8.06
CA ASN A 392 31.18 -22.95 8.50
CA ASN A 392 31.21 -22.93 8.52
C ASN A 392 30.71 -22.11 7.33
N SER A 393 31.53 -21.95 6.29
CA SER A 393 31.05 -21.22 5.12
C SER A 393 29.90 -21.96 4.44
N LYS A 394 29.94 -23.31 4.46
CA LYS A 394 28.87 -24.07 3.85
C LYS A 394 27.60 -24.05 4.68
N LEU A 395 27.72 -24.10 6.01
CA LEU A 395 26.55 -23.92 6.87
C LEU A 395 25.84 -22.62 6.56
N LEU A 396 26.61 -21.53 6.40
CA LEU A 396 26.02 -20.23 6.11
C LEU A 396 25.44 -20.18 4.69
N ARG A 397 26.13 -20.76 3.72
CA ARG A 397 25.59 -20.79 2.37
C ARG A 397 24.26 -21.54 2.32
N ASN A 398 24.16 -22.65 3.05
CA ASN A 398 22.89 -23.39 3.08
C ASN A 398 21.80 -22.57 3.74
N LYS A 399 22.14 -21.77 4.75
CA LYS A 399 21.15 -20.86 5.34
C LYS A 399 20.66 -19.85 4.31
N ALA A 400 21.58 -19.32 3.50
CA ALA A 400 21.15 -18.38 2.47
C ALA A 400 20.20 -19.04 1.47
N VAL A 401 20.48 -20.28 1.10
CA VAL A 401 19.60 -20.99 0.16
C VAL A 401 18.21 -21.16 0.76
N GLN A 402 18.13 -21.49 2.06
CA GLN A 402 16.81 -21.65 2.68
C GLN A 402 16.04 -20.33 2.65
N LEU A 403 16.72 -19.20 2.86
CA LEU A 403 16.05 -17.91 2.80
C LEU A 403 15.67 -17.55 1.38
N GLU A 404 16.51 -17.93 0.40
CA GLU A 404 16.11 -17.80 -1.00
C GLU A 404 14.82 -18.56 -1.27
N ASN A 405 14.68 -19.75 -0.68
CA ASN A 405 13.45 -20.50 -0.89
CA ASN A 405 13.46 -20.52 -0.87
C ASN A 405 12.26 -19.80 -0.26
N GLU A 406 12.43 -19.20 0.92
CA GLU A 406 11.34 -18.43 1.51
CA GLU A 406 11.34 -18.44 1.50
C GLU A 406 10.95 -17.27 0.61
N LEU A 407 11.92 -16.62 -0.01
CA LEU A 407 11.59 -15.50 -0.87
C LEU A 407 10.95 -15.95 -2.17
N GLU A 408 11.33 -17.12 -2.67
CA GLU A 408 10.68 -17.69 -3.84
C GLU A 408 9.24 -18.05 -3.53
N ASN A 409 9.00 -18.62 -2.34
CA ASN A 409 7.63 -18.91 -1.93
C ASN A 409 6.81 -17.64 -1.80
N PHE A 410 7.40 -16.59 -1.20
CA PHE A 410 6.72 -15.31 -1.10
C PHE A 410 6.36 -14.76 -2.47
N THR A 411 7.29 -14.88 -3.42
CA THR A 411 7.06 -14.40 -4.78
C THR A 411 5.93 -15.17 -5.47
N LYS A 412 5.89 -16.48 -5.30
CA LYS A 412 4.82 -17.28 -5.91
C LYS A 412 3.46 -16.95 -5.30
N GLN A 413 3.43 -16.68 -3.99
CA GLN A 413 2.17 -16.44 -3.31
C GLN A 413 1.64 -15.02 -3.53
N PHE A 414 2.54 -14.02 -3.56
CA PHE A 414 2.13 -12.63 -3.45
C PHE A 414 2.54 -11.74 -4.61
N LEU A 415 3.45 -12.18 -5.49
CA LEU A 415 3.97 -11.33 -6.55
C LEU A 415 3.76 -12.01 -7.91
N PRO A 416 2.56 -11.93 -8.47
CA PRO A 416 2.35 -12.39 -9.85
C PRO A 416 2.99 -11.41 -10.83
N SER A 417 3.25 -11.92 -12.03
CA SER A 417 3.90 -11.10 -13.06
C SER A 417 3.05 -9.88 -13.42
#